data_3HNV
#
_entry.id   3HNV
#
_cell.length_a   145.785
_cell.length_b   95.111
_cell.length_c   35.666
_cell.angle_alpha   90.00
_cell.angle_beta   102.51
_cell.angle_gamma   90.00
#
_symmetry.space_group_name_H-M   'C 1 2 1'
#
loop_
_entity.id
_entity.type
_entity.pdbx_description
1 polymer 'CS-35 Fab Heavy Chain'
2 polymer 'CS-35 Fab Light Chain'
3 branched 'beta-D-arabinofuranose-(1-2)-alpha-D-arabinofuranose-(1-3)-alpha-D-arabinofuranose-(1-5)-methyl alpha-D-arabinofuranoside'
4 water water
#
loop_
_entity_poly.entity_id
_entity_poly.type
_entity_poly.pdbx_seq_one_letter_code
_entity_poly.pdbx_strand_id
1 'polypeptide(L)'
;EVQLQQSGTVLARPGTSVKMSCKASGYSFTNYWMHWVKQRPGQGLEWIGSIYPGNSDTNYKQKFKGKAKLTAVTSASTAY
MEVNSLTNEDSAVYYCTRFGNYVPFAYWGQGTLVTVSAATTTAPSVYPLVPGCSDTSGSSVTLGCLVKGYFPEPVTVKWN
YGALSSGVRTVSSVLQSGFYSLSSLVTVPSSTWPSQTVICNVAHPASKTELIKRIEPRIP
;
H
2 'polypeptide(L)'
;DIQMTQTTSSLSASLGDRVTIGCRASQDIGSYLNWYQQKPDGAVRLLIYYTSRLHSGVPSRFSGSGSGTHFSLTISNLEQ
EDIGTYFCHQDTKPPYTFGSGTKLEIKRADAAPTVSIFPPSSEQLTSGGASVVCFLNNFYPKDINVKWKIDGSERQNGVL
NSWTDQDSKDSTYSMSSTLTLTKDEYERHNSYTCEATHKTSTSPIVKSFNRNEC
;
L
#
# COMPACT_ATOMS: atom_id res chain seq x y z
N GLU A 1 15.14 19.37 1.89
CA GLU A 1 16.43 19.87 1.33
C GLU A 1 17.31 18.70 0.85
N VAL A 2 17.65 17.80 1.76
CA VAL A 2 18.23 16.51 1.37
C VAL A 2 17.15 15.67 0.71
N GLN A 3 17.41 15.20 -0.50
CA GLN A 3 16.49 14.30 -1.18
C GLN A 3 17.21 13.13 -1.81
N LEU A 4 16.54 11.99 -1.78
CA LEU A 4 17.04 10.79 -2.45
C LEU A 4 16.00 10.34 -3.47
N GLN A 5 16.31 10.53 -4.74
CA GLN A 5 15.33 10.25 -5.78
C GLN A 5 15.69 8.95 -6.47
N GLN A 6 14.84 7.94 -6.28
CA GLN A 6 15.09 6.62 -6.85
C GLN A 6 14.40 6.44 -8.19
N SER A 7 14.97 5.55 -9.01
CA SER A 7 14.41 5.22 -10.31
C SER A 7 13.08 4.47 -10.17
N GLY A 8 12.39 4.32 -11.29
CA GLY A 8 11.01 3.82 -11.30
C GLY A 8 10.91 2.31 -11.25
N THR A 9 9.69 1.80 -11.20
CA THR A 9 9.43 0.37 -11.12
C THR A 9 10.06 -0.38 -12.29
N VAL A 10 10.56 -1.58 -12.03
CA VAL A 10 11.18 -2.40 -13.06
C VAL A 10 10.56 -3.79 -13.08
N LEU A 11 10.29 -4.29 -14.29
CA LEU A 11 9.92 -5.68 -14.48
C LEU A 11 11.12 -6.38 -15.14
N ALA A 12 11.58 -7.45 -14.53
CA ALA A 12 12.72 -8.20 -15.05
C ALA A 12 12.48 -9.69 -15.06
N ARG A 13 13.02 -10.37 -16.07
CA ARG A 13 12.92 -11.82 -16.21
C ARG A 13 13.84 -12.52 -15.22
N PRO A 14 13.47 -13.75 -14.78
CA PRO A 14 14.38 -14.49 -13.91
C PRO A 14 15.73 -14.73 -14.59
N GLY A 15 16.81 -14.68 -13.82
CA GLY A 15 18.14 -14.92 -14.35
C GLY A 15 18.84 -13.70 -14.91
N THR A 16 18.09 -12.62 -15.12
CA THR A 16 18.67 -11.38 -15.64
C THR A 16 19.13 -10.49 -14.49
N SER A 17 19.56 -9.28 -14.82
CA SER A 17 19.97 -8.32 -13.81
C SER A 17 19.19 -7.02 -13.95
N VAL A 18 19.05 -6.31 -12.84
CA VAL A 18 18.51 -4.94 -12.88
C VAL A 18 19.47 -3.99 -12.22
N LYS A 19 19.55 -2.78 -12.76
CA LYS A 19 20.34 -1.72 -12.17
C LYS A 19 19.45 -0.55 -11.86
N MET A 20 19.34 -0.22 -10.58
CA MET A 20 18.49 0.89 -10.14
C MET A 20 19.36 2.01 -9.60
N SER A 21 18.79 3.21 -9.53
CA SER A 21 19.55 4.40 -9.20
C SER A 21 18.92 5.20 -8.06
N CYS A 22 19.72 6.06 -7.46
CA CYS A 22 19.29 6.85 -6.31
C CYS A 22 20.04 8.17 -6.43
N LYS A 23 19.37 9.19 -6.96
CA LYS A 23 20.00 10.49 -7.14
C LYS A 23 19.88 11.30 -5.86
N ALA A 24 21.03 11.71 -5.34
CA ALA A 24 21.10 12.48 -4.12
C ALA A 24 21.26 13.96 -4.45
N SER A 25 20.55 14.78 -3.68
CA SER A 25 20.65 16.23 -3.81
C SER A 25 20.50 16.87 -2.44
N GLY A 26 21.03 18.08 -2.31
CA GLY A 26 20.87 18.88 -1.09
C GLY A 26 21.93 18.65 -0.05
N TYR A 27 22.97 17.91 -0.41
CA TYR A 27 24.09 17.67 0.50
C TYR A 27 25.30 17.21 -0.29
N SER A 28 26.46 17.10 0.37
CA SER A 28 27.67 16.65 -0.31
C SER A 28 27.68 15.13 -0.42
N PHE A 29 27.37 14.66 -1.62
CA PHE A 29 27.20 13.24 -1.95
C PHE A 29 28.36 12.35 -1.49
N THR A 30 29.58 12.87 -1.62
CA THR A 30 30.79 12.09 -1.34
C THR A 30 31.16 11.97 0.14
N ASN A 31 30.43 12.67 1.01
CA ASN A 31 30.76 12.72 2.44
C ASN A 31 29.84 11.88 3.34
N TYR A 32 28.97 11.07 2.74
CA TYR A 32 28.04 10.24 3.51
C TYR A 32 27.90 8.84 2.93
N TRP A 33 27.83 7.85 3.83
CA TRP A 33 27.51 6.48 3.45
C TRP A 33 26.08 6.39 2.93
N MET A 34 25.92 5.80 1.75
CA MET A 34 24.62 5.49 1.19
C MET A 34 24.36 4.01 1.35
N HIS A 35 23.26 3.66 2.01
CA HIS A 35 22.91 2.28 2.28
C HIS A 35 21.70 1.87 1.45
N TRP A 36 21.62 0.56 1.18
CA TRP A 36 20.50 -0.01 0.44
C TRP A 36 19.81 -1.06 1.29
N VAL A 37 18.48 -1.04 1.26
CA VAL A 37 17.66 -1.89 2.12
C VAL A 37 16.56 -2.53 1.27
N LYS A 38 16.29 -3.79 1.54
CA LYS A 38 15.33 -4.57 0.77
C LYS A 38 14.11 -4.85 1.62
N GLN A 39 12.94 -4.61 1.06
CA GLN A 39 11.68 -4.95 1.72
C GLN A 39 10.82 -5.88 0.88
N ARG A 40 10.73 -7.13 1.31
CA ARG A 40 9.86 -8.12 0.66
C ARG A 40 8.52 -8.15 1.37
N PRO A 41 7.43 -8.42 0.62
CA PRO A 41 6.09 -8.41 1.21
C PRO A 41 6.02 -9.33 2.43
N GLY A 42 5.53 -8.79 3.55
CA GLY A 42 5.43 -9.52 4.82
C GLY A 42 6.72 -10.19 5.29
N GLN A 43 7.86 -9.53 5.09
CA GLN A 43 9.16 -10.11 5.43
C GLN A 43 10.16 -9.09 5.99
N GLY A 44 9.66 -8.05 6.65
CA GLY A 44 10.50 -7.04 7.28
C GLY A 44 11.43 -6.29 6.34
N LEU A 45 12.49 -5.73 6.91
CA LEU A 45 13.50 -5.00 6.16
C LEU A 45 14.82 -5.74 6.25
N GLU A 46 15.56 -5.75 5.14
CA GLU A 46 16.86 -6.39 5.13
C GLU A 46 17.91 -5.44 4.62
N TRP A 47 19.00 -5.32 5.36
CA TRP A 47 20.12 -4.48 4.94
C TRP A 47 20.92 -5.24 3.88
N ILE A 48 21.22 -4.58 2.77
CA ILE A 48 22.00 -5.17 1.69
C ILE A 48 23.47 -4.76 1.79
N GLY A 49 23.72 -3.46 1.93
CA GLY A 49 25.08 -2.94 1.90
C GLY A 49 25.15 -1.42 1.86
N SER A 50 26.37 -0.92 1.82
CA SER A 50 26.58 0.52 1.82
C SER A 50 27.78 0.89 0.96
N ILE A 51 27.79 2.14 0.50
CA ILE A 51 28.91 2.69 -0.26
C ILE A 51 29.23 4.09 0.24
N TYR A 52 30.51 4.42 0.27
CA TYR A 52 30.96 5.77 0.56
C TYR A 52 31.46 6.33 -0.75
N PRO A 53 30.66 7.19 -1.40
CA PRO A 53 30.97 7.72 -2.73
C PRO A 53 32.30 8.45 -2.82
N GLY A 54 32.79 8.95 -1.69
CA GLY A 54 34.07 9.66 -1.63
C GLY A 54 35.24 8.85 -2.16
N ASN A 55 35.32 7.58 -1.75
CA ASN A 55 36.40 6.68 -2.15
C ASN A 55 35.88 5.37 -2.73
N SER A 56 34.55 5.28 -2.80
CA SER A 56 33.84 4.09 -3.31
C SER A 56 34.11 2.80 -2.51
N ASP A 57 34.48 2.97 -1.24
CA ASP A 57 34.52 1.85 -0.31
C ASP A 57 33.12 1.29 -0.16
N THR A 58 33.01 -0.04 -0.13
CA THR A 58 31.72 -0.71 -0.03
C THR A 58 31.70 -1.70 1.13
N ASN A 59 30.51 -1.89 1.69
CA ASN A 59 30.25 -2.96 2.65
C ASN A 59 29.03 -3.74 2.17
N TYR A 60 29.04 -5.04 2.39
CA TYR A 60 27.91 -5.89 2.01
C TYR A 60 27.56 -6.84 3.13
N LYS A 61 26.27 -7.12 3.29
CA LYS A 61 25.86 -8.29 4.06
C LYS A 61 26.34 -9.49 3.26
N GLN A 62 26.89 -10.49 3.95
CA GLN A 62 27.58 -11.61 3.31
C GLN A 62 26.79 -12.22 2.15
N LYS A 63 25.51 -12.48 2.43
CA LYS A 63 24.46 -12.91 1.50
C LYS A 63 24.49 -12.23 0.12
N PHE A 64 24.78 -10.92 0.10
CA PHE A 64 24.64 -10.12 -1.11
C PHE A 64 25.93 -9.90 -1.88
N LYS A 65 27.04 -10.43 -1.36
CA LYS A 65 28.31 -10.39 -2.09
C LYS A 65 28.17 -11.23 -3.34
N GLY A 66 28.45 -10.63 -4.50
CA GLY A 66 28.33 -11.31 -5.78
C GLY A 66 26.91 -11.34 -6.31
N LYS A 67 25.97 -10.82 -5.52
CA LYS A 67 24.54 -10.81 -5.86
C LYS A 67 24.06 -9.39 -6.10
N ALA A 68 24.40 -8.49 -5.18
CA ALA A 68 24.16 -7.06 -5.38
C ALA A 68 25.48 -6.34 -5.54
N LYS A 69 25.53 -5.36 -6.44
CA LYS A 69 26.74 -4.56 -6.66
C LYS A 69 26.42 -3.09 -6.50
N LEU A 70 27.11 -2.46 -5.56
CA LEU A 70 26.91 -1.04 -5.28
C LEU A 70 27.98 -0.20 -5.97
N THR A 71 27.54 0.81 -6.72
CA THR A 71 28.45 1.77 -7.33
C THR A 71 27.97 3.19 -7.05
N ALA A 72 28.85 4.16 -7.25
CA ALA A 72 28.47 5.57 -7.19
C ALA A 72 29.14 6.36 -8.30
N VAL A 73 28.41 7.32 -8.87
CA VAL A 73 28.99 8.23 -9.84
C VAL A 73 28.91 9.64 -9.26
N THR A 74 30.07 10.19 -8.93
CA THR A 74 30.17 11.49 -8.26
C THR A 74 29.64 12.64 -9.13
N SER A 75 30.05 12.65 -10.40
CA SER A 75 29.63 13.68 -11.35
C SER A 75 28.11 13.77 -11.48
N ALA A 76 27.42 12.68 -11.18
CA ALA A 76 25.97 12.61 -11.29
C ALA A 76 25.28 12.59 -9.92
N SER A 77 26.08 12.61 -8.85
CA SER A 77 25.59 12.50 -7.47
C SER A 77 24.58 11.35 -7.35
N THR A 78 24.91 10.22 -7.97
CA THR A 78 23.98 9.12 -8.08
C THR A 78 24.62 7.84 -7.59
N ALA A 79 23.87 7.14 -6.75
CA ALA A 79 24.27 5.82 -6.27
C ALA A 79 23.48 4.80 -7.05
N TYR A 80 24.12 3.68 -7.38
CA TYR A 80 23.49 2.62 -8.13
C TYR A 80 23.55 1.29 -7.39
N MET A 81 22.57 0.43 -7.66
CA MET A 81 22.66 -0.96 -7.24
C MET A 81 22.24 -1.86 -8.37
N GLU A 82 23.11 -2.82 -8.70
CA GLU A 82 22.81 -3.82 -9.70
C GLU A 82 22.67 -5.19 -9.04
N VAL A 83 21.49 -5.79 -9.20
CA VAL A 83 21.21 -7.09 -8.64
C VAL A 83 21.14 -8.09 -9.78
N ASN A 84 21.95 -9.14 -9.70
CA ASN A 84 22.04 -10.10 -10.79
C ASN A 84 21.32 -11.41 -10.45
N SER A 85 21.30 -12.33 -11.42
CA SER A 85 20.74 -13.67 -11.24
C SER A 85 19.38 -13.62 -10.56
N LEU A 86 18.48 -12.81 -11.11
CA LEU A 86 17.22 -12.50 -10.45
C LEU A 86 16.30 -13.71 -10.24
N THR A 87 15.74 -13.80 -9.04
CA THR A 87 14.79 -14.85 -8.71
C THR A 87 13.57 -14.20 -8.10
N ASN A 88 12.52 -14.99 -7.87
CA ASN A 88 11.31 -14.52 -7.19
C ASN A 88 11.59 -13.81 -5.87
N GLU A 89 12.60 -14.29 -5.15
CA GLU A 89 12.99 -13.74 -3.85
C GLU A 89 13.56 -12.33 -3.95
N ASP A 90 13.86 -11.90 -5.18
CA ASP A 90 14.38 -10.57 -5.43
C ASP A 90 13.28 -9.56 -5.73
N SER A 91 12.05 -10.06 -5.90
CA SER A 91 10.89 -9.19 -6.03
C SER A 91 10.69 -8.47 -4.70
N ALA A 92 10.83 -7.14 -4.73
CA ALA A 92 10.82 -6.36 -3.50
C ALA A 92 10.83 -4.87 -3.79
N VAL A 93 10.59 -4.07 -2.75
CA VAL A 93 10.85 -2.64 -2.81
C VAL A 93 12.25 -2.41 -2.25
N TYR A 94 13.10 -1.76 -3.03
CA TYR A 94 14.44 -1.45 -2.59
C TYR A 94 14.58 0.04 -2.27
N TYR A 95 15.06 0.33 -1.06
CA TYR A 95 15.29 1.68 -0.62
C TYR A 95 16.78 2.02 -0.59
N CYS A 96 17.12 3.22 -1.04
CA CYS A 96 18.41 3.80 -0.72
C CYS A 96 18.17 4.75 0.44
N THR A 97 19.15 4.83 1.34
CA THR A 97 18.99 5.64 2.54
C THR A 97 20.35 6.14 3.02
N ARG A 98 20.39 7.39 3.46
CA ARG A 98 21.63 8.01 3.91
C ARG A 98 21.85 7.86 5.42
N PHE A 99 23.07 7.47 5.77
CA PHE A 99 23.47 7.27 7.16
C PHE A 99 24.30 8.46 7.62
N GLY A 100 24.10 8.88 8.87
CA GLY A 100 24.99 9.87 9.51
C GLY A 100 24.55 11.31 9.32
N ASN A 101 25.26 12.27 9.93
CA ASN A 101 26.31 12.02 10.92
C ASN A 101 25.72 12.13 12.33
N TYR A 102 26.08 11.19 13.19
CA TYR A 102 25.55 11.08 14.56
C TYR A 102 24.03 10.85 14.63
N VAL A 103 23.47 10.44 13.49
CA VAL A 103 22.11 9.89 13.38
C VAL A 103 22.21 8.71 12.43
N PRO A 104 21.26 7.77 12.49
CA PRO A 104 21.32 6.66 11.54
C PRO A 104 20.69 7.00 10.19
N PHE A 105 19.65 6.26 9.77
CA PHE A 105 19.01 6.50 8.46
C PHE A 105 18.00 7.66 8.52
N ALA A 106 18.54 8.88 8.47
CA ALA A 106 17.74 10.09 8.63
C ALA A 106 16.97 10.46 7.36
N TYR A 107 17.47 9.98 6.22
CA TYR A 107 16.87 10.30 4.92
C TYR A 107 16.72 9.04 4.08
N TRP A 108 15.54 8.87 3.50
CA TRP A 108 15.22 7.66 2.74
C TRP A 108 14.73 8.02 1.35
N GLY A 109 15.09 7.20 0.36
CA GLY A 109 14.48 7.26 -0.96
C GLY A 109 13.04 6.78 -0.86
N GLN A 110 12.30 6.92 -1.95
CA GLN A 110 10.88 6.57 -1.97
C GLN A 110 10.68 5.09 -2.26
N GLY A 111 11.78 4.41 -2.61
CA GLY A 111 11.76 2.98 -2.92
C GLY A 111 11.62 2.69 -4.41
N THR A 112 12.29 1.64 -4.87
CA THR A 112 12.14 1.15 -6.24
C THR A 112 11.56 -0.24 -6.15
N LEU A 113 10.40 -0.44 -6.75
CA LEU A 113 9.78 -1.75 -6.77
C LEU A 113 10.32 -2.59 -7.94
N VAL A 114 10.87 -3.75 -7.61
CA VAL A 114 11.32 -4.70 -8.62
C VAL A 114 10.35 -5.89 -8.66
N THR A 115 9.86 -6.21 -9.86
CA THR A 115 9.10 -7.44 -10.04
C THR A 115 9.88 -8.40 -10.93
N VAL A 116 10.18 -9.57 -10.39
CA VAL A 116 10.81 -10.63 -11.15
C VAL A 116 9.74 -11.58 -11.64
N SER A 117 9.60 -11.66 -12.95
CA SER A 117 8.60 -12.51 -13.59
C SER A 117 8.99 -12.78 -15.04
N ALA A 118 8.53 -13.90 -15.55
CA ALA A 118 8.66 -14.22 -16.96
C ALA A 118 7.51 -13.62 -17.78
N ALA A 119 6.45 -13.17 -17.09
CA ALA A 119 5.26 -12.62 -17.75
C ALA A 119 5.52 -11.20 -18.27
N THR A 120 4.93 -10.90 -19.43
CA THR A 120 5.08 -9.58 -20.05
C THR A 120 4.19 -8.55 -19.33
N THR A 121 4.45 -7.28 -19.58
CA THR A 121 3.63 -6.22 -19.05
C THR A 121 2.24 -6.27 -19.70
N THR A 122 1.21 -6.08 -18.88
CA THR A 122 -0.15 -6.00 -19.35
C THR A 122 -0.81 -4.75 -18.75
N ALA A 123 -1.23 -3.82 -19.62
CA ALA A 123 -1.96 -2.62 -19.21
C ALA A 123 -3.33 -3.03 -18.64
N PRO A 124 -3.85 -2.23 -17.69
CA PRO A 124 -5.17 -2.55 -17.14
C PRO A 124 -6.32 -2.24 -18.09
N SER A 125 -7.42 -2.97 -17.92
CA SER A 125 -8.70 -2.58 -18.48
C SER A 125 -9.42 -1.83 -17.38
N VAL A 126 -10.04 -0.71 -17.75
CA VAL A 126 -10.74 0.14 -16.79
C VAL A 126 -12.21 0.19 -17.17
N TYR A 127 -13.07 -0.06 -16.19
CA TYR A 127 -14.50 0.02 -16.40
C TYR A 127 -15.14 0.92 -15.36
N PRO A 128 -16.17 1.70 -15.76
CA PRO A 128 -16.82 2.60 -14.81
C PRO A 128 -17.71 1.84 -13.85
N LEU A 129 -17.79 2.35 -12.62
CA LEU A 129 -18.72 1.85 -11.61
C LEU A 129 -19.80 2.91 -11.43
N VAL A 130 -20.99 2.61 -11.93
CA VAL A 130 -22.08 3.57 -11.98
C VAL A 130 -23.32 2.97 -11.33
N PRO A 131 -24.01 3.74 -10.47
CA PRO A 131 -25.22 3.23 -9.82
C PRO A 131 -26.19 2.63 -10.82
N GLY A 132 -26.89 1.60 -10.40
CA GLY A 132 -27.90 0.95 -11.23
C GLY A 132 -29.06 1.89 -11.55
N CYS A 133 -29.81 1.55 -12.58
CA CYS A 133 -30.97 2.33 -13.02
C CYS A 133 -32.02 2.50 -11.92
N SER A 134 -32.29 1.42 -11.19
CA SER A 134 -33.26 1.43 -10.10
C SER A 134 -32.59 1.65 -8.74
N ASP A 135 -31.84 2.75 -8.63
CA ASP A 135 -31.19 3.10 -7.37
C ASP A 135 -31.79 4.39 -6.81
N THR A 136 -32.19 4.33 -5.53
CA THR A 136 -32.94 5.42 -4.88
C THR A 136 -32.70 5.39 -3.36
N SER A 137 -32.16 6.45 -2.77
CA SER A 137 -31.61 7.65 -3.42
C SER A 137 -30.68 8.36 -2.43
N GLY A 138 -30.24 9.58 -2.75
CA GLY A 138 -29.42 10.36 -1.83
C GLY A 138 -28.92 11.71 -2.32
N SER A 139 -28.42 12.51 -1.38
CA SER A 139 -27.79 13.80 -1.67
C SER A 139 -26.34 13.62 -2.11
N SER A 140 -25.81 12.43 -1.88
CA SER A 140 -24.47 12.08 -2.34
C SER A 140 -24.54 10.82 -3.20
N VAL A 141 -23.70 10.76 -4.21
CA VAL A 141 -23.62 9.60 -5.07
C VAL A 141 -22.22 8.97 -5.00
N THR A 142 -22.16 7.64 -5.00
CA THR A 142 -20.89 6.92 -5.03
C THR A 142 -20.62 6.33 -6.41
N LEU A 143 -19.49 6.76 -6.98
CA LEU A 143 -19.07 6.39 -8.32
C LEU A 143 -17.72 5.70 -8.23
N GLY A 144 -17.30 5.05 -9.31
CA GLY A 144 -16.04 4.34 -9.24
C GLY A 144 -15.44 3.92 -10.57
N CYS A 145 -14.27 3.30 -10.43
CA CYS A 145 -13.54 2.72 -11.53
C CYS A 145 -13.02 1.38 -11.12
N LEU A 146 -13.34 0.37 -11.92
CA LEU A 146 -12.79 -0.96 -11.76
C LEU A 146 -11.57 -1.08 -12.67
N VAL A 147 -10.43 -1.43 -12.07
CA VAL A 147 -9.17 -1.53 -12.79
C VAL A 147 -8.72 -3.00 -12.79
N LYS A 148 -8.69 -3.62 -13.95
CA LYS A 148 -8.66 -5.08 -14.05
C LYS A 148 -7.55 -5.63 -14.95
N GLY A 149 -6.98 -6.75 -14.53
CA GLY A 149 -6.15 -7.59 -15.39
C GLY A 149 -4.81 -6.99 -15.79
N TYR A 150 -4.21 -6.22 -14.89
CA TYR A 150 -2.91 -5.61 -15.19
C TYR A 150 -1.73 -6.35 -14.54
N PHE A 151 -0.54 -6.12 -15.10
CA PHE A 151 0.70 -6.67 -14.57
C PHE A 151 1.88 -5.89 -15.16
N PRO A 152 2.92 -5.62 -14.35
CA PRO A 152 3.03 -5.81 -12.90
C PRO A 152 2.48 -4.62 -12.13
N GLU A 153 2.70 -4.61 -10.81
CA GLU A 153 2.39 -3.47 -9.96
C GLU A 153 3.34 -2.31 -10.29
N PRO A 154 2.99 -1.08 -9.86
CA PRO A 154 1.73 -0.64 -9.29
C PRO A 154 0.79 0.01 -10.31
N VAL A 155 -0.43 0.27 -9.86
CA VAL A 155 -1.36 1.17 -10.54
C VAL A 155 -1.66 2.28 -9.54
N THR A 156 -1.68 3.51 -10.00
CA THR A 156 -2.19 4.62 -9.20
C THR A 156 -3.50 5.10 -9.81
N VAL A 157 -4.42 5.49 -8.94
CA VAL A 157 -5.69 6.05 -9.35
C VAL A 157 -5.86 7.43 -8.73
N LYS A 158 -6.30 8.39 -9.53
CA LYS A 158 -6.75 9.66 -8.98
C LYS A 158 -8.05 10.10 -9.65
N TRP A 159 -8.66 11.16 -9.13
CA TRP A 159 -9.95 11.60 -9.63
C TRP A 159 -9.90 13.06 -10.07
N ASN A 160 -10.50 13.32 -11.23
CA ASN A 160 -10.42 14.64 -11.87
C ASN A 160 -8.98 15.19 -11.87
N TYR A 161 -8.05 14.34 -12.29
CA TYR A 161 -6.62 14.66 -12.39
C TYR A 161 -6.01 15.07 -11.05
N GLY A 162 -6.62 14.60 -9.96
CA GLY A 162 -6.13 14.90 -8.62
C GLY A 162 -6.90 16.01 -7.90
N ALA A 163 -7.74 16.73 -8.64
CA ALA A 163 -8.54 17.82 -8.06
C ALA A 163 -9.58 17.29 -7.07
N LEU A 164 -10.04 16.06 -7.31
CA LEU A 164 -10.99 15.41 -6.41
C LEU A 164 -10.27 14.40 -5.53
N SER A 165 -10.12 14.72 -4.25
CA SER A 165 -9.38 13.86 -3.30
C SER A 165 -10.22 13.47 -2.08
N SER A 166 -11.22 14.29 -1.77
CA SER A 166 -12.13 14.02 -0.66
C SER A 166 -13.13 12.93 -1.02
N GLY A 167 -13.35 12.00 -0.10
CA GLY A 167 -14.27 10.90 -0.30
C GLY A 167 -13.76 9.80 -1.22
N VAL A 168 -12.48 9.90 -1.61
CA VAL A 168 -11.85 8.88 -2.44
C VAL A 168 -11.46 7.67 -1.60
N ARG A 169 -11.87 6.48 -2.05
CA ARG A 169 -11.50 5.22 -1.40
C ARG A 169 -10.97 4.28 -2.46
N THR A 170 -9.68 3.97 -2.37
CA THR A 170 -9.03 3.06 -3.28
C THR A 170 -8.58 1.83 -2.52
N VAL A 171 -9.19 0.69 -2.83
CA VAL A 171 -8.83 -0.55 -2.15
C VAL A 171 -7.48 -1.06 -2.63
N SER A 172 -6.85 -1.87 -1.78
CA SER A 172 -5.60 -2.51 -2.12
C SER A 172 -5.77 -3.39 -3.35
N SER A 173 -4.72 -3.46 -4.16
CA SER A 173 -4.67 -4.40 -5.28
C SER A 173 -4.73 -5.84 -4.78
N VAL A 174 -5.27 -6.71 -5.62
CA VAL A 174 -5.32 -8.14 -5.34
C VAL A 174 -4.72 -8.89 -6.52
N LEU A 175 -3.89 -9.87 -6.20
CA LEU A 175 -3.30 -10.75 -7.19
C LEU A 175 -4.17 -11.99 -7.37
N GLN A 176 -4.63 -12.22 -8.61
CA GLN A 176 -5.41 -13.41 -8.93
C GLN A 176 -5.03 -13.97 -10.29
N SER A 177 -4.62 -15.24 -10.31
CA SER A 177 -4.26 -15.91 -11.56
C SER A 177 -3.27 -15.10 -12.41
N GLY A 178 -2.27 -14.52 -11.75
CA GLY A 178 -1.15 -13.89 -12.45
C GLY A 178 -1.33 -12.41 -12.78
N PHE A 179 -2.51 -11.89 -12.48
CA PHE A 179 -2.87 -10.51 -12.79
C PHE A 179 -3.45 -9.78 -11.60
N TYR A 180 -3.22 -8.47 -11.56
CA TYR A 180 -3.72 -7.62 -10.50
C TYR A 180 -5.02 -6.91 -10.87
N SER A 181 -5.83 -6.64 -9.86
CA SER A 181 -6.98 -5.78 -10.00
C SER A 181 -7.22 -4.98 -8.73
N LEU A 182 -7.85 -3.82 -8.89
CA LEU A 182 -8.22 -2.97 -7.78
C LEU A 182 -9.42 -2.15 -8.20
N SER A 183 -9.97 -1.38 -7.26
CA SER A 183 -11.08 -0.51 -7.57
C SER A 183 -10.96 0.75 -6.73
N SER A 184 -11.39 1.86 -7.31
CA SER A 184 -11.35 3.14 -6.61
C SER A 184 -12.75 3.73 -6.67
N LEU A 185 -13.20 4.25 -5.54
CA LEU A 185 -14.53 4.79 -5.45
C LEU A 185 -14.48 6.19 -4.88
N VAL A 186 -15.43 7.00 -5.30
CA VAL A 186 -15.51 8.36 -4.78
C VAL A 186 -16.96 8.69 -4.52
N THR A 187 -17.21 9.36 -3.40
CA THR A 187 -18.52 9.86 -3.07
C THR A 187 -18.52 11.38 -3.22
N VAL A 188 -19.39 11.87 -4.10
CA VAL A 188 -19.52 13.28 -4.42
C VAL A 188 -20.98 13.70 -4.31
N PRO A 189 -21.26 15.01 -4.12
CA PRO A 189 -22.64 15.47 -4.02
C PRO A 189 -23.44 15.23 -5.30
N SER A 190 -24.74 15.04 -5.14
CA SER A 190 -25.67 14.75 -6.25
C SER A 190 -25.73 15.84 -7.32
N SER A 191 -25.24 17.03 -6.98
CA SER A 191 -25.25 18.16 -7.90
C SER A 191 -23.92 18.35 -8.65
N THR A 192 -22.90 17.59 -8.24
CA THR A 192 -21.62 17.57 -8.96
C THR A 192 -21.63 16.49 -10.05
N TRP A 193 -22.42 15.44 -9.84
CA TRP A 193 -22.52 14.34 -10.79
C TRP A 193 -23.99 13.90 -10.95
N PRO A 194 -24.47 13.70 -12.19
CA PRO A 194 -23.76 13.77 -13.48
C PRO A 194 -23.48 15.15 -14.08
N SER A 195 -23.65 16.21 -13.30
CA SER A 195 -23.44 17.58 -13.79
C SER A 195 -22.05 17.86 -14.37
N GLN A 196 -21.01 17.43 -13.66
CA GLN A 196 -19.61 17.70 -14.03
C GLN A 196 -18.89 16.43 -14.45
N THR A 197 -17.81 16.61 -15.22
CA THR A 197 -16.92 15.52 -15.58
C THR A 197 -16.29 14.95 -14.30
N VAL A 198 -16.62 13.70 -14.00
CA VAL A 198 -15.90 12.93 -12.99
C VAL A 198 -15.12 11.88 -13.75
N ILE A 199 -13.82 12.10 -13.85
CA ILE A 199 -12.90 11.19 -14.54
C ILE A 199 -12.05 10.51 -13.48
N CYS A 200 -11.83 9.21 -13.66
CA CYS A 200 -10.76 8.56 -12.92
C CYS A 200 -9.57 8.42 -13.84
N ASN A 201 -8.41 8.79 -13.31
CA ASN A 201 -7.16 8.72 -14.02
C ASN A 201 -6.41 7.50 -13.52
N VAL A 202 -6.15 6.55 -14.41
CA VAL A 202 -5.46 5.32 -14.04
C VAL A 202 -4.09 5.31 -14.71
N ALA A 203 -3.04 5.30 -13.89
CA ALA A 203 -1.68 5.23 -14.41
C ALA A 203 -1.06 3.87 -14.10
N HIS A 204 -0.43 3.29 -15.12
CA HIS A 204 0.29 2.02 -14.97
C HIS A 204 1.73 2.20 -15.50
N PRO A 205 2.65 2.64 -14.62
CA PRO A 205 4.04 3.00 -14.98
C PRO A 205 4.76 1.94 -15.82
N ALA A 206 4.55 0.66 -15.49
CA ALA A 206 5.21 -0.44 -16.21
C ALA A 206 4.87 -0.51 -17.71
N SER A 207 3.62 -0.19 -18.04
CA SER A 207 3.20 -0.14 -19.46
C SER A 207 3.25 1.28 -20.01
N LYS A 208 3.67 2.22 -19.17
CA LYS A 208 3.68 3.65 -19.51
C LYS A 208 2.30 4.14 -19.99
N THR A 209 1.25 3.61 -19.38
CA THR A 209 -0.09 4.01 -19.76
C THR A 209 -0.66 4.98 -18.75
N GLU A 210 -1.35 6.01 -19.26
CA GLU A 210 -2.12 6.92 -18.43
C GLU A 210 -3.52 6.97 -19.01
N LEU A 211 -4.45 6.28 -18.35
CA LEU A 211 -5.79 6.09 -18.86
C LEU A 211 -6.78 7.03 -18.20
N ILE A 212 -7.84 7.37 -18.93
CA ILE A 212 -8.97 8.07 -18.32
C ILE A 212 -10.26 7.28 -18.53
N LYS A 213 -11.12 7.29 -17.52
CA LYS A 213 -12.45 6.76 -17.69
C LYS A 213 -13.44 7.80 -17.21
N ARG A 214 -14.28 8.25 -18.13
CA ARG A 214 -15.36 9.17 -17.84
C ARG A 214 -16.47 8.38 -17.17
N ILE A 215 -16.95 8.90 -16.04
CA ILE A 215 -18.07 8.26 -15.33
C ILE A 215 -19.35 8.97 -15.73
N GLU A 216 -20.19 8.26 -16.47
CA GLU A 216 -21.38 8.84 -17.05
C GLU A 216 -22.60 7.97 -16.73
N PRO A 217 -23.79 8.60 -16.61
CA PRO A 217 -25.01 7.84 -16.31
C PRO A 217 -25.26 6.72 -17.31
N ARG A 218 -26.00 5.71 -16.86
CA ARG A 218 -26.35 4.57 -17.70
C ARG A 218 -27.28 4.94 -18.84
N ILE A 219 -27.29 4.09 -19.88
CA ILE A 219 -28.18 4.28 -21.02
C ILE A 219 -29.62 3.94 -20.64
N PRO A 220 -30.55 4.90 -20.84
CA PRO A 220 -31.96 4.67 -20.54
C PRO A 220 -32.73 4.09 -21.72
N ASP B 1 24.20 -13.27 12.74
CA ASP B 1 23.63 -11.90 12.78
C ASP B 1 22.77 -11.71 14.03
N ILE B 2 22.52 -10.44 14.37
CA ILE B 2 21.66 -10.09 15.49
C ILE B 2 20.21 -10.12 15.03
N GLN B 3 19.44 -11.03 15.59
CA GLN B 3 18.01 -11.10 15.29
C GLN B 3 17.25 -10.08 16.11
N MET B 4 16.49 -9.24 15.41
CA MET B 4 15.58 -8.27 16.02
C MET B 4 14.16 -8.82 15.93
N THR B 5 13.49 -8.91 17.07
CA THR B 5 12.14 -9.47 17.16
C THR B 5 11.21 -8.40 17.71
N GLN B 6 10.14 -8.09 16.98
CA GLN B 6 9.12 -7.17 17.49
C GLN B 6 8.09 -7.96 18.28
N THR B 7 7.60 -7.38 19.36
CA THR B 7 6.69 -8.06 20.28
C THR B 7 5.45 -8.59 19.56
N THR B 8 4.83 -7.73 18.76
CA THR B 8 3.63 -8.11 18.01
C THR B 8 3.70 -7.56 16.59
N SER B 9 3.00 -8.19 15.67
CA SER B 9 3.02 -7.75 14.28
C SER B 9 1.99 -6.65 14.06
N SER B 10 1.00 -6.60 14.93
CA SER B 10 -0.08 -5.61 14.81
C SER B 10 -0.65 -5.20 16.15
N LEU B 11 -1.01 -3.93 16.26
CA LEU B 11 -1.52 -3.36 17.49
C LEU B 11 -2.68 -2.42 17.17
N SER B 12 -3.70 -2.45 18.01
CA SER B 12 -4.84 -1.56 17.89
C SER B 12 -5.01 -0.81 19.21
N ALA B 13 -5.19 0.51 19.13
CA ALA B 13 -5.36 1.32 20.33
C ALA B 13 -6.19 2.57 20.07
N SER B 14 -6.90 3.01 21.10
CA SER B 14 -7.78 4.16 21.01
C SER B 14 -7.00 5.47 21.02
N LEU B 15 -7.56 6.49 20.38
CA LEU B 15 -7.00 7.84 20.45
C LEU B 15 -6.84 8.28 21.90
N GLY B 16 -5.69 8.86 22.22
CA GLY B 16 -5.42 9.35 23.57
C GLY B 16 -4.74 8.35 24.48
N ASP B 17 -4.80 7.07 24.11
CA ASP B 17 -4.23 6.01 24.94
C ASP B 17 -2.71 5.89 24.78
N ARG B 18 -2.08 5.30 25.78
CA ARG B 18 -0.65 5.03 25.74
C ARG B 18 -0.40 3.76 24.94
N VAL B 19 0.54 3.83 24.01
CA VAL B 19 0.86 2.70 23.15
C VAL B 19 2.34 2.43 23.26
N THR B 20 2.70 1.16 23.44
CA THR B 20 4.09 0.76 23.45
C THR B 20 4.33 -0.29 22.38
N ILE B 21 5.41 -0.10 21.64
CA ILE B 21 5.80 -1.07 20.63
C ILE B 21 7.16 -1.61 21.04
N GLY B 22 7.22 -2.93 21.20
CA GLY B 22 8.41 -3.58 21.71
C GLY B 22 9.32 -4.20 20.65
N CYS B 23 10.61 -4.22 20.97
CA CYS B 23 11.60 -4.83 20.12
C CYS B 23 12.61 -5.54 21.02
N ARG B 24 13.06 -6.71 20.60
CA ARG B 24 14.04 -7.49 21.36
C ARG B 24 15.21 -7.84 20.45
N ALA B 25 16.43 -7.72 20.97
CA ALA B 25 17.63 -8.10 20.23
C ALA B 25 18.17 -9.43 20.75
N SER B 26 18.72 -10.24 19.85
CA SER B 26 19.28 -11.55 20.21
C SER B 26 20.63 -11.46 20.93
N GLN B 27 21.24 -10.28 20.88
CA GLN B 27 22.42 -9.99 21.69
C GLN B 27 22.29 -8.59 22.28
N ASP B 28 23.17 -8.23 23.22
CA ASP B 28 23.15 -6.89 23.77
C ASP B 28 23.70 -5.91 22.74
N ILE B 29 22.89 -4.91 22.40
CA ILE B 29 23.27 -3.93 21.38
C ILE B 29 23.47 -2.52 21.99
N GLY B 30 23.61 -2.48 23.32
CA GLY B 30 23.73 -1.22 24.05
C GLY B 30 22.58 -0.29 23.72
N SER B 31 22.91 0.94 23.36
CA SER B 31 21.88 1.92 23.00
C SER B 31 21.64 2.04 21.50
N TYR B 32 22.30 1.20 20.70
CA TYR B 32 22.28 1.34 19.24
C TYR B 32 21.01 0.74 18.63
N LEU B 33 19.89 1.37 18.90
CA LEU B 33 18.60 0.86 18.46
C LEU B 33 17.78 2.04 17.99
N ASN B 34 17.27 1.93 16.77
CA ASN B 34 16.52 3.00 16.13
C ASN B 34 15.12 2.56 15.77
N TRP B 35 14.22 3.55 15.69
CA TRP B 35 12.83 3.30 15.33
C TRP B 35 12.46 4.10 14.09
N TYR B 36 11.84 3.42 13.12
CA TYR B 36 11.36 4.06 11.90
C TYR B 36 9.87 3.82 11.77
N GLN B 37 9.20 4.75 11.11
CA GLN B 37 7.79 4.65 10.82
C GLN B 37 7.64 4.60 9.30
N GLN B 38 6.92 3.61 8.81
CA GLN B 38 6.59 3.53 7.41
C GLN B 38 5.11 3.78 7.22
N LYS B 39 4.79 4.69 6.32
CA LYS B 39 3.41 5.03 5.97
C LYS B 39 2.93 4.13 4.84
N PRO B 40 1.60 4.05 4.63
CA PRO B 40 1.04 3.18 3.58
C PRO B 40 1.58 3.45 2.17
N ASP B 41 1.96 4.70 1.89
CA ASP B 41 2.56 5.02 0.59
C ASP B 41 4.04 4.59 0.51
N GLY B 42 4.50 3.92 1.56
CA GLY B 42 5.84 3.34 1.60
C GLY B 42 6.93 4.26 2.08
N ALA B 43 6.56 5.50 2.43
CA ALA B 43 7.52 6.47 2.94
C ALA B 43 8.06 6.06 4.31
N VAL B 44 9.38 6.10 4.45
CA VAL B 44 10.02 5.72 5.70
C VAL B 44 10.58 6.95 6.42
N ARG B 45 10.40 6.98 7.73
CA ARG B 45 10.80 8.11 8.53
C ARG B 45 11.42 7.65 9.85
N LEU B 46 12.63 8.14 10.12
CA LEU B 46 13.29 7.94 11.40
C LEU B 46 12.56 8.74 12.48
N LEU B 47 12.20 8.09 13.58
CA LEU B 47 11.54 8.76 14.68
C LEU B 47 12.44 8.85 15.89
N ILE B 48 13.07 7.74 16.25
CA ILE B 48 13.91 7.64 17.43
C ILE B 48 15.22 6.98 17.08
N TYR B 49 16.33 7.62 17.47
CA TYR B 49 17.63 7.00 17.27
C TYR B 49 18.40 6.87 18.60
N TYR B 50 19.36 5.94 18.63
CA TYR B 50 20.17 5.70 19.82
C TYR B 50 19.26 5.50 21.03
N THR B 51 18.29 4.59 20.85
CA THR B 51 17.34 4.15 21.87
C THR B 51 16.25 5.17 22.21
N SER B 52 16.65 6.41 22.47
CA SER B 52 15.76 7.34 23.17
C SER B 52 15.72 8.76 22.62
N ARG B 53 16.52 9.05 21.59
CA ARG B 53 16.66 10.39 21.03
C ARG B 53 15.68 10.66 19.89
N LEU B 54 14.86 11.69 20.04
CA LEU B 54 13.85 12.03 19.04
C LEU B 54 14.51 12.71 17.84
N HIS B 55 13.99 12.41 16.65
CA HIS B 55 14.49 13.00 15.41
C HIS B 55 13.59 14.14 14.89
N SER B 56 13.76 14.52 13.62
CA SER B 56 13.17 15.75 13.05
C SER B 56 11.66 15.74 13.04
N GLY B 57 11.07 16.77 13.64
CA GLY B 57 9.62 16.94 13.66
C GLY B 57 8.86 15.86 14.40
N VAL B 58 9.55 15.10 15.25
CA VAL B 58 8.93 14.03 16.02
C VAL B 58 8.26 14.61 17.27
N PRO B 59 6.94 14.40 17.42
CA PRO B 59 6.16 14.89 18.55
C PRO B 59 6.68 14.39 19.90
N SER B 60 6.59 15.22 20.92
CA SER B 60 7.06 14.89 22.26
C SER B 60 6.29 13.72 22.90
N ARG B 61 5.17 13.34 22.29
CA ARG B 61 4.41 12.13 22.65
C ARG B 61 5.25 10.87 22.52
N PHE B 62 6.27 10.91 21.67
CA PHE B 62 7.14 9.76 21.47
C PHE B 62 8.26 9.72 22.50
N SER B 63 8.53 8.51 23.01
CA SER B 63 9.70 8.25 23.84
C SER B 63 10.20 6.84 23.56
N GLY B 64 11.45 6.61 23.92
CA GLY B 64 12.07 5.31 23.73
C GLY B 64 12.77 4.85 25.00
N SER B 65 12.76 3.55 25.19
CA SER B 65 13.44 2.92 26.30
C SER B 65 14.21 1.70 25.82
N GLY B 66 15.22 1.30 26.57
CA GLY B 66 16.06 0.17 26.20
C GLY B 66 16.91 -0.33 27.34
N SER B 67 17.12 -1.63 27.36
CA SER B 67 17.97 -2.26 28.38
C SER B 67 19.26 -2.79 27.75
N GLY B 68 19.34 -2.72 26.42
CA GLY B 68 20.45 -3.32 25.69
C GLY B 68 19.97 -4.55 24.93
N THR B 69 18.94 -5.20 25.46
CA THR B 69 18.35 -6.38 24.81
C THR B 69 16.86 -6.22 24.55
N HIS B 70 16.18 -5.41 25.37
CA HIS B 70 14.75 -5.16 25.21
C HIS B 70 14.48 -3.68 25.04
N PHE B 71 13.65 -3.35 24.06
CA PHE B 71 13.41 -1.97 23.69
C PHE B 71 11.96 -1.74 23.43
N SER B 72 11.56 -0.49 23.61
CA SER B 72 10.22 -0.09 23.25
C SER B 72 10.15 1.36 22.81
N LEU B 73 9.24 1.60 21.87
CA LEU B 73 8.83 2.91 21.48
C LEU B 73 7.50 3.13 22.19
N THR B 74 7.34 4.29 22.83
CA THR B 74 6.12 4.60 23.53
C THR B 74 5.51 5.87 22.95
N ILE B 75 4.21 5.84 22.72
CA ILE B 75 3.43 7.04 22.40
C ILE B 75 2.55 7.32 23.61
N SER B 76 2.73 8.50 24.20
CA SER B 76 2.03 8.86 25.45
C SER B 76 0.52 8.89 25.29
N ASN B 77 0.09 9.53 24.20
CA ASN B 77 -1.32 9.74 23.90
C ASN B 77 -1.50 9.59 22.40
N LEU B 78 -2.05 8.45 21.99
CA LEU B 78 -2.15 8.12 20.57
C LEU B 78 -2.90 9.19 19.80
N GLU B 79 -2.33 9.57 18.66
CA GLU B 79 -2.98 10.52 17.77
C GLU B 79 -3.25 9.93 16.40
N GLN B 80 -4.19 10.56 15.69
CA GLN B 80 -4.63 10.16 14.37
C GLN B 80 -3.46 9.96 13.40
N GLU B 81 -2.50 10.89 13.43
CA GLU B 81 -1.36 10.89 12.51
C GLU B 81 -0.36 9.75 12.76
N ASP B 82 -0.56 9.00 13.84
CA ASP B 82 0.39 7.96 14.26
C ASP B 82 0.19 6.60 13.58
N ILE B 83 -0.85 6.48 12.76
CA ILE B 83 -1.11 5.25 12.02
C ILE B 83 0.12 4.89 11.17
N GLY B 84 0.49 3.62 11.16
CA GLY B 84 1.58 3.17 10.31
C GLY B 84 2.25 1.93 10.85
N THR B 85 3.36 1.55 10.21
CA THR B 85 4.10 0.39 10.63
C THR B 85 5.45 0.83 11.21
N TYR B 86 5.76 0.30 12.38
CA TYR B 86 6.93 0.73 13.12
C TYR B 86 7.99 -0.37 13.18
N PHE B 87 9.20 -0.04 12.71
CA PHE B 87 10.30 -1.01 12.62
C PHE B 87 11.44 -0.59 13.53
N CYS B 88 12.02 -1.55 14.24
CA CYS B 88 13.26 -1.29 14.97
C CYS B 88 14.47 -1.67 14.13
N HIS B 89 15.62 -1.11 14.48
CA HIS B 89 16.83 -1.26 13.69
C HIS B 89 18.05 -1.18 14.61
N GLN B 90 18.85 -2.25 14.65
CA GLN B 90 20.12 -2.21 15.37
C GLN B 90 21.24 -1.82 14.40
N ASP B 91 22.07 -0.87 14.82
CA ASP B 91 23.18 -0.43 14.00
C ASP B 91 24.51 -0.40 14.75
N THR B 92 24.72 -1.38 15.64
CA THR B 92 25.99 -1.53 16.35
C THR B 92 27.17 -1.57 15.37
N LYS B 93 26.99 -2.35 14.31
CA LYS B 93 27.99 -2.55 13.24
C LYS B 93 27.37 -3.43 12.15
N PRO B 94 27.93 -3.38 10.91
CA PRO B 94 27.47 -4.30 9.87
C PRO B 94 27.56 -5.77 10.30
N PRO B 95 26.56 -6.61 9.93
CA PRO B 95 25.38 -6.25 9.16
C PRO B 95 24.27 -5.67 10.02
N TYR B 96 23.69 -4.56 9.58
CA TYR B 96 22.58 -3.98 10.29
C TYR B 96 21.39 -4.89 10.10
N THR B 97 20.56 -4.97 11.13
CA THR B 97 19.36 -5.80 11.07
C THR B 97 18.14 -5.03 11.58
N PHE B 98 16.96 -5.49 11.19
CA PHE B 98 15.72 -4.77 11.44
C PHE B 98 14.71 -5.74 12.03
N GLY B 99 13.79 -5.23 12.83
CA GLY B 99 12.61 -6.00 13.23
C GLY B 99 11.64 -6.05 12.07
N SER B 100 10.67 -6.95 12.14
CA SER B 100 9.75 -7.16 11.02
C SER B 100 8.54 -6.20 11.04
N GLY B 101 8.55 -5.27 11.98
CA GLY B 101 7.54 -4.22 12.04
C GLY B 101 6.29 -4.54 12.81
N THR B 102 5.74 -3.49 13.44
CA THR B 102 4.47 -3.57 14.14
C THR B 102 3.52 -2.58 13.46
N LYS B 103 2.43 -3.11 12.91
CA LYS B 103 1.42 -2.28 12.27
C LYS B 103 0.51 -1.72 13.34
N LEU B 104 0.40 -0.40 13.38
CA LEU B 104 -0.43 0.29 14.37
C LEU B 104 -1.70 0.86 13.74
N GLU B 105 -2.84 0.38 14.25
CA GLU B 105 -4.18 0.75 13.83
C GLU B 105 -4.83 1.57 14.95
N ILE B 106 -5.73 2.48 14.58
CA ILE B 106 -6.51 3.23 15.56
C ILE B 106 -7.78 2.45 15.89
N LYS B 107 -8.02 2.26 17.18
CA LYS B 107 -9.29 1.71 17.64
C LYS B 107 -10.29 2.86 17.74
N ARG B 108 -11.47 2.61 17.19
CA ARG B 108 -12.44 3.65 16.86
C ARG B 108 -13.79 3.23 17.42
N ALA B 109 -14.72 4.17 17.53
CA ALA B 109 -16.11 3.80 17.77
C ALA B 109 -16.63 3.00 16.58
N ASP B 110 -17.43 1.98 16.87
CA ASP B 110 -18.04 1.16 15.83
C ASP B 110 -18.83 2.03 14.85
N ALA B 111 -18.73 1.67 13.58
CA ALA B 111 -19.43 2.37 12.52
C ALA B 111 -19.96 1.35 11.54
N ALA B 112 -21.26 1.43 11.25
CA ALA B 112 -21.88 0.57 10.25
C ALA B 112 -21.44 1.03 8.87
N PRO B 113 -21.25 0.08 7.94
CA PRO B 113 -20.94 0.47 6.55
C PRO B 113 -22.14 1.06 5.81
N THR B 114 -21.84 1.93 4.86
CA THR B 114 -22.82 2.32 3.84
C THR B 114 -22.56 1.44 2.63
N VAL B 115 -23.59 0.74 2.16
CA VAL B 115 -23.41 -0.26 1.12
C VAL B 115 -23.97 0.19 -0.22
N SER B 116 -23.22 -0.07 -1.28
CA SER B 116 -23.62 0.26 -2.65
C SER B 116 -23.36 -0.93 -3.55
N ILE B 117 -24.24 -1.15 -4.52
CA ILE B 117 -24.05 -2.21 -5.48
C ILE B 117 -24.02 -1.64 -6.89
N PHE B 118 -23.11 -2.18 -7.71
CA PHE B 118 -22.87 -1.66 -9.04
C PHE B 118 -23.02 -2.77 -10.07
N PRO B 119 -24.05 -2.68 -10.92
CA PRO B 119 -24.12 -3.63 -12.03
C PRO B 119 -22.93 -3.42 -12.98
N PRO B 120 -22.61 -4.43 -13.80
CA PRO B 120 -21.57 -4.29 -14.81
C PRO B 120 -21.89 -3.12 -15.73
N SER B 121 -20.86 -2.46 -16.24
CA SER B 121 -21.08 -1.39 -17.20
C SER B 121 -21.40 -2.01 -18.56
N SER B 122 -22.12 -1.27 -19.39
CA SER B 122 -22.38 -1.71 -20.76
C SER B 122 -21.04 -1.91 -21.47
N GLU B 123 -20.08 -1.03 -21.17
CA GLU B 123 -18.73 -1.12 -21.73
C GLU B 123 -18.10 -2.48 -21.48
N GLN B 124 -18.09 -2.92 -20.23
CA GLN B 124 -17.54 -4.24 -19.92
C GLN B 124 -18.33 -5.36 -20.58
N LEU B 125 -19.66 -5.27 -20.49
CA LEU B 125 -20.55 -6.29 -21.05
C LEU B 125 -20.34 -6.53 -22.54
N THR B 126 -20.24 -5.45 -23.31
CA THR B 126 -20.04 -5.60 -24.76
C THR B 126 -18.70 -6.28 -25.12
N SER B 127 -17.77 -6.28 -24.16
CA SER B 127 -16.47 -6.94 -24.33
C SER B 127 -16.46 -8.40 -23.83
N GLY B 128 -17.59 -8.87 -23.32
CA GLY B 128 -17.76 -10.28 -22.96
C GLY B 128 -17.65 -10.65 -21.49
N GLY B 129 -17.18 -9.74 -20.65
CA GLY B 129 -17.08 -9.99 -19.22
C GLY B 129 -18.16 -9.26 -18.44
N ALA B 130 -18.34 -9.65 -17.19
CA ALA B 130 -19.26 -8.97 -16.29
C ALA B 130 -18.73 -8.99 -14.87
N SER B 131 -18.50 -7.82 -14.30
CA SER B 131 -18.17 -7.73 -12.90
C SER B 131 -19.28 -6.99 -12.18
N VAL B 132 -19.73 -7.55 -11.07
CA VAL B 132 -20.67 -6.89 -10.18
C VAL B 132 -19.86 -6.51 -8.94
N VAL B 133 -20.02 -5.27 -8.49
CA VAL B 133 -19.25 -4.76 -7.35
C VAL B 133 -20.16 -4.36 -6.18
N CYS B 134 -19.79 -4.82 -4.99
CA CYS B 134 -20.42 -4.41 -3.74
C CYS B 134 -19.39 -3.59 -2.96
N PHE B 135 -19.75 -2.36 -2.60
CA PHE B 135 -18.84 -1.43 -1.91
C PHE B 135 -19.40 -1.10 -0.54
N LEU B 136 -18.58 -1.32 0.48
CA LEU B 136 -18.99 -1.10 1.86
C LEU B 136 -18.15 0.05 2.37
N ASN B 137 -18.79 1.17 2.69
CA ASN B 137 -18.07 2.41 2.91
C ASN B 137 -18.06 2.86 4.36
N ASN B 138 -16.87 3.23 4.84
CA ASN B 138 -16.69 3.94 6.10
C ASN B 138 -17.22 3.20 7.32
N PHE B 139 -16.68 2.02 7.56
CA PHE B 139 -17.07 1.22 8.70
C PHE B 139 -15.90 0.98 9.63
N TYR B 140 -16.22 0.53 10.84
CA TYR B 140 -15.25 0.07 11.82
C TYR B 140 -15.98 -0.87 12.79
N PRO B 141 -15.34 -2.00 13.19
CA PRO B 141 -13.99 -2.50 12.85
C PRO B 141 -13.81 -3.04 11.43
N LYS B 142 -12.57 -3.32 11.07
CA LYS B 142 -12.18 -3.77 9.73
C LYS B 142 -12.87 -5.08 9.31
N ASP B 143 -13.03 -5.98 10.28
CA ASP B 143 -13.62 -7.28 10.05
C ASP B 143 -15.05 -7.13 9.53
N ILE B 144 -15.29 -7.71 8.36
CA ILE B 144 -16.59 -7.63 7.70
C ILE B 144 -16.65 -8.73 6.64
N ASN B 145 -17.83 -9.30 6.45
CA ASN B 145 -18.01 -10.26 5.37
C ASN B 145 -19.15 -9.89 4.40
N VAL B 146 -18.95 -10.27 3.15
CA VAL B 146 -19.90 -10.01 2.09
C VAL B 146 -20.28 -11.36 1.52
N LYS B 147 -21.58 -11.63 1.51
CA LYS B 147 -22.11 -12.82 0.88
C LYS B 147 -22.81 -12.42 -0.41
N TRP B 148 -22.50 -13.11 -1.51
CA TRP B 148 -23.13 -12.86 -2.79
C TRP B 148 -24.18 -13.92 -3.07
N LYS B 149 -25.32 -13.48 -3.57
CA LYS B 149 -26.34 -14.41 -4.05
C LYS B 149 -26.67 -14.09 -5.50
N ILE B 150 -26.68 -15.11 -6.34
CA ILE B 150 -27.06 -14.96 -7.73
C ILE B 150 -28.33 -15.77 -7.92
N ASP B 151 -29.40 -15.09 -8.31
CA ASP B 151 -30.72 -15.73 -8.35
C ASP B 151 -30.96 -16.49 -7.04
N GLY B 152 -30.65 -15.85 -5.91
CA GLY B 152 -30.91 -16.41 -4.60
C GLY B 152 -29.93 -17.47 -4.09
N SER B 153 -29.00 -17.88 -4.95
CA SER B 153 -28.03 -18.91 -4.60
C SER B 153 -26.69 -18.31 -4.28
N GLU B 154 -26.07 -18.78 -3.20
CA GLU B 154 -24.75 -18.26 -2.80
C GLU B 154 -23.70 -18.55 -3.88
N ARG B 155 -22.87 -17.55 -4.16
CA ARG B 155 -21.69 -17.75 -5.00
C ARG B 155 -20.47 -17.27 -4.28
N GLN B 156 -19.48 -18.15 -4.16
CA GLN B 156 -18.21 -17.82 -3.52
C GLN B 156 -17.11 -17.68 -4.56
N ASN B 157 -17.21 -18.45 -5.64
CA ASN B 157 -16.21 -18.43 -6.71
C ASN B 157 -16.25 -17.16 -7.57
N GLY B 158 -15.07 -16.66 -7.90
CA GLY B 158 -14.95 -15.48 -8.75
C GLY B 158 -15.19 -14.21 -7.99
N VAL B 159 -15.13 -14.30 -6.66
CA VAL B 159 -15.31 -13.16 -5.78
C VAL B 159 -13.97 -12.69 -5.26
N LEU B 160 -13.70 -11.39 -5.40
CA LEU B 160 -12.46 -10.79 -4.97
C LEU B 160 -12.75 -9.69 -3.96
N ASN B 161 -12.23 -9.85 -2.73
CA ASN B 161 -12.43 -8.86 -1.67
C ASN B 161 -11.15 -8.07 -1.40
N SER B 162 -11.31 -6.77 -1.20
CA SER B 162 -10.16 -5.93 -0.85
C SER B 162 -10.58 -4.75 0.00
N TRP B 163 -9.70 -4.36 0.93
CA TRP B 163 -9.91 -3.25 1.85
C TRP B 163 -9.01 -2.08 1.50
N THR B 164 -9.48 -0.88 1.85
CA THR B 164 -8.61 0.29 1.89
C THR B 164 -7.75 0.21 3.15
N ASP B 165 -6.70 1.03 3.20
CA ASP B 165 -6.00 1.28 4.44
C ASP B 165 -6.93 2.08 5.34
N GLN B 166 -6.73 1.98 6.64
CA GLN B 166 -7.50 2.76 7.59
C GLN B 166 -7.42 4.24 7.24
N ASP B 167 -8.56 4.90 7.22
CA ASP B 167 -8.62 6.31 6.88
C ASP B 167 -7.77 7.18 7.81
N SER B 168 -6.82 7.91 7.24
CA SER B 168 -5.87 8.70 8.03
C SER B 168 -6.53 9.79 8.88
N LYS B 169 -7.75 10.17 8.53
CA LYS B 169 -8.46 11.24 9.23
C LYS B 169 -9.51 10.76 10.24
N ASP B 170 -10.32 9.77 9.88
CA ASP B 170 -11.39 9.32 10.78
C ASP B 170 -11.34 7.84 11.17
N SER B 171 -10.30 7.15 10.73
CA SER B 171 -9.98 5.78 11.15
C SER B 171 -10.97 4.69 10.68
N THR B 172 -11.83 5.03 9.73
CA THR B 172 -12.76 4.04 9.19
C THR B 172 -12.08 3.21 8.09
N TYR B 173 -12.74 2.12 7.73
CA TYR B 173 -12.30 1.32 6.60
C TYR B 173 -13.38 1.32 5.54
N SER B 174 -12.97 1.07 4.30
CA SER B 174 -13.91 0.73 3.25
C SER B 174 -13.41 -0.54 2.56
N MET B 175 -14.32 -1.25 1.89
CA MET B 175 -13.92 -2.43 1.16
C MET B 175 -14.83 -2.64 -0.04
N SER B 176 -14.32 -3.36 -1.03
CA SER B 176 -15.17 -3.75 -2.14
C SER B 176 -15.08 -5.25 -2.35
N SER B 177 -16.19 -5.82 -2.81
CA SER B 177 -16.26 -7.20 -3.17
C SER B 177 -16.66 -7.23 -4.65
N THR B 178 -15.85 -7.89 -5.45
CA THR B 178 -16.08 -7.93 -6.89
C THR B 178 -16.38 -9.36 -7.33
N LEU B 179 -17.56 -9.53 -7.88
CA LEU B 179 -17.99 -10.81 -8.40
C LEU B 179 -17.78 -10.79 -9.91
N THR B 180 -16.95 -11.69 -10.41
CA THR B 180 -16.67 -11.75 -11.84
C THR B 180 -17.32 -12.95 -12.51
N LEU B 181 -18.00 -12.68 -13.62
CA LEU B 181 -18.66 -13.70 -14.43
C LEU B 181 -18.45 -13.34 -15.89
N THR B 182 -18.73 -14.29 -16.78
CA THR B 182 -18.81 -13.99 -18.20
C THR B 182 -20.12 -13.23 -18.44
N LYS B 183 -20.19 -12.48 -19.53
CA LYS B 183 -21.44 -11.81 -19.89
C LYS B 183 -22.56 -12.83 -20.06
N ASP B 184 -22.24 -13.94 -20.71
CA ASP B 184 -23.23 -15.00 -20.95
C ASP B 184 -23.78 -15.58 -19.65
N GLU B 185 -22.89 -15.80 -18.68
CA GLU B 185 -23.30 -16.25 -17.35
C GLU B 185 -24.18 -15.19 -16.69
N TYR B 186 -23.72 -13.94 -16.75
CA TYR B 186 -24.44 -12.80 -16.17
C TYR B 186 -25.87 -12.70 -16.70
N GLU B 187 -26.01 -12.90 -18.01
CA GLU B 187 -27.30 -12.76 -18.67
C GLU B 187 -28.21 -13.99 -18.50
N ARG B 188 -27.66 -15.04 -17.90
CA ARG B 188 -28.43 -16.24 -17.58
C ARG B 188 -29.18 -16.10 -16.24
N HIS B 189 -28.91 -15.02 -15.53
CA HIS B 189 -29.50 -14.77 -14.22
C HIS B 189 -30.09 -13.36 -14.13
N ASN B 190 -30.97 -13.17 -13.15
CA ASN B 190 -31.66 -11.89 -12.98
C ASN B 190 -31.25 -11.15 -11.72
N SER B 191 -31.37 -11.81 -10.56
CA SER B 191 -31.16 -11.16 -9.27
C SER B 191 -29.70 -11.23 -8.79
N TYR B 192 -29.14 -10.06 -8.49
CA TYR B 192 -27.79 -9.96 -7.96
C TYR B 192 -27.81 -9.25 -6.61
N THR B 193 -27.34 -9.96 -5.60
CA THR B 193 -27.48 -9.53 -4.21
C THR B 193 -26.17 -9.67 -3.45
N CYS B 194 -25.76 -8.61 -2.76
CA CYS B 194 -24.69 -8.74 -1.78
C CYS B 194 -25.23 -8.44 -0.39
N GLU B 195 -24.80 -9.25 0.57
CA GLU B 195 -25.24 -9.11 1.96
C GLU B 195 -24.02 -8.83 2.83
N ALA B 196 -24.03 -7.71 3.53
CA ALA B 196 -22.90 -7.31 4.36
C ALA B 196 -23.20 -7.57 5.83
N THR B 197 -22.44 -8.48 6.42
CA THR B 197 -22.53 -8.78 7.85
C THR B 197 -21.39 -8.10 8.59
N HIS B 198 -21.75 -7.32 9.61
CA HIS B 198 -20.80 -6.55 10.41
C HIS B 198 -21.26 -6.60 11.85
N LYS B 199 -20.33 -6.39 12.79
CA LYS B 199 -20.67 -6.48 14.21
C LYS B 199 -21.64 -5.40 14.66
N THR B 200 -21.78 -4.35 13.85
CA THR B 200 -22.65 -3.22 14.20
C THR B 200 -24.15 -3.55 14.16
N SER B 201 -24.50 -4.64 13.49
CA SER B 201 -25.89 -5.11 13.43
C SER B 201 -25.95 -6.63 13.29
N THR B 202 -26.89 -7.25 14.01
CA THR B 202 -27.08 -8.70 13.91
C THR B 202 -27.75 -9.11 12.59
N SER B 203 -28.38 -8.15 11.91
CA SER B 203 -28.97 -8.38 10.60
C SER B 203 -28.05 -7.86 9.48
N PRO B 204 -27.95 -8.62 8.37
CA PRO B 204 -27.11 -8.22 7.24
C PRO B 204 -27.68 -7.02 6.51
N ILE B 205 -26.81 -6.10 6.10
CA ILE B 205 -27.19 -5.02 5.20
C ILE B 205 -27.23 -5.59 3.79
N VAL B 206 -28.41 -5.51 3.16
CA VAL B 206 -28.64 -6.16 1.87
C VAL B 206 -28.83 -5.13 0.76
N LYS B 207 -28.03 -5.26 -0.30
CA LYS B 207 -28.22 -4.47 -1.51
C LYS B 207 -28.36 -5.40 -2.71
N SER B 208 -29.30 -5.07 -3.58
CA SER B 208 -29.64 -5.95 -4.68
C SER B 208 -30.11 -5.15 -5.88
N PHE B 209 -29.93 -5.73 -7.06
CA PHE B 209 -30.61 -5.27 -8.26
C PHE B 209 -31.07 -6.47 -9.08
N ASN B 210 -31.98 -6.21 -10.01
CA ASN B 210 -32.40 -7.22 -10.97
C ASN B 210 -31.94 -6.81 -12.35
N ARG B 211 -31.27 -7.73 -13.05
CA ARG B 211 -30.76 -7.47 -14.39
C ARG B 211 -31.86 -7.00 -15.35
N ASN B 212 -33.09 -7.43 -15.10
CA ASN B 212 -34.27 -6.95 -15.82
C ASN B 212 -34.61 -5.49 -15.51
N GLU B 213 -33.68 -4.82 -14.82
CA GLU B 213 -33.77 -3.41 -14.43
C GLU B 213 -35.01 -3.05 -13.61
N CYS B 214 -35.65 -4.06 -13.04
CA CYS B 214 -36.85 -3.88 -12.23
C CYS B 214 -36.98 -4.95 -11.16
#